data_9JWL
#
_entry.id   9JWL
#
_cell.length_a   71.712
_cell.length_b   39.680
_cell.length_c   108.108
_cell.angle_alpha   90.000
_cell.angle_beta   108.848
_cell.angle_gamma   90.000
#
_symmetry.space_group_name_H-M   'P 1 21 1'
#
loop_
_entity.id
_entity.type
_entity.pdbx_description
1 polymer 'MSD1-holo chainA'
2 non-polymer beta-D-allopyranose
3 water water
#
_entity_poly.entity_id   1
_entity_poly.type   'polypeptide(L)'
_entity_poly.pdbx_seq_one_letter_code
;AAKYAVVLKTLTDPFWVNMKKGIEDEAKKLGVSVDIFAAASEGDAEAQKSLFESLSNKNYKGIAFAPLTKDNLVEPVAAA
WKKGTYLVNLDEKIDMKKLKAAGGAVEAFVTTDNVQVGAQGAGYIVQKLGAQGGEVAIIEGEAGNASGEARRTGATDQFA
KASNIKLVASQPADWDRTKAKQVATEILAKNPNIKAIYCANDTMALGVADAVADAGKTGKVLVVGTDGIPEAQEAVKAGK
MTATVAQNPAAIGATGLKLMVDAEKKGKVIPLDKAPQYVLVASKLVTALEHHHHHH
;
_entity_poly.pdbx_strand_id   A,B
#
loop_
_chem_comp.id
_chem_comp.type
_chem_comp.name
_chem_comp.formula
ALL D-saccharide, beta linking beta-D-allopyranose 'C6 H12 O6'
#
# COMPACT_ATOMS: atom_id res chain seq x y z
N ALA A 1 25.02 -27.84 1.53
CA ALA A 1 24.78 -26.41 1.67
C ALA A 1 26.00 -25.60 1.23
N ALA A 2 25.80 -24.31 1.03
CA ALA A 2 26.86 -23.39 0.64
C ALA A 2 27.18 -22.44 1.80
N LYS A 3 28.02 -21.45 1.53
CA LYS A 3 28.41 -20.45 2.51
C LYS A 3 27.41 -19.31 2.60
N TYR A 4 26.86 -18.86 1.47
CA TYR A 4 25.96 -17.72 1.43
C TYR A 4 24.70 -18.08 0.67
N ALA A 5 23.60 -17.45 1.07
CA ALA A 5 22.31 -17.65 0.42
C ALA A 5 21.74 -16.30 0.02
N VAL A 6 20.92 -16.31 -1.02
CA VAL A 6 20.21 -15.12 -1.50
C VAL A 6 18.76 -15.51 -1.74
N VAL A 7 17.84 -14.69 -1.25
CA VAL A 7 16.42 -14.87 -1.46
C VAL A 7 15.93 -13.69 -2.29
N LEU A 8 15.56 -13.96 -3.53
CA LEU A 8 15.05 -12.92 -4.41
C LEU A 8 13.53 -12.97 -4.46
N LYS A 9 12.93 -11.93 -5.05
CA LYS A 9 11.48 -11.90 -5.19
C LYS A 9 11.01 -13.05 -6.08
N THR A 10 11.40 -13.03 -7.35
CA THR A 10 11.08 -14.10 -8.29
C THR A 10 12.36 -14.55 -8.99
N LEU A 11 12.25 -15.65 -9.73
CA LEU A 11 13.32 -16.10 -10.60
C LEU A 11 12.92 -16.13 -12.06
N THR A 12 11.67 -15.76 -12.38
CA THR A 12 11.16 -15.80 -13.74
C THR A 12 11.07 -14.42 -14.40
N ASP A 13 11.23 -13.34 -13.63
CA ASP A 13 11.17 -12.00 -14.19
C ASP A 13 12.58 -11.51 -14.53
N PRO A 14 12.72 -10.79 -15.64
CA PRO A 14 14.07 -10.40 -16.11
C PRO A 14 14.88 -9.62 -15.09
N PHE A 15 14.27 -8.67 -14.38
CA PHE A 15 15.01 -7.87 -13.41
C PHE A 15 15.68 -8.75 -12.38
N TRP A 16 14.98 -9.77 -11.89
CA TRP A 16 15.52 -10.65 -10.87
C TRP A 16 16.38 -11.76 -11.46
N VAL A 17 16.24 -12.03 -12.76
CA VAL A 17 17.19 -12.93 -13.42
C VAL A 17 18.55 -12.26 -13.56
N ASN A 18 18.57 -10.96 -13.89
CA ASN A 18 19.83 -10.25 -14.01
C ASN A 18 20.53 -10.15 -12.66
N MET A 19 19.78 -9.86 -11.59
CA MET A 19 20.38 -9.83 -10.26
C MET A 19 20.97 -11.19 -9.90
N LYS A 20 20.31 -12.27 -10.32
CA LYS A 20 20.87 -13.61 -10.07
C LYS A 20 22.19 -13.79 -10.80
N LYS A 21 22.29 -13.27 -12.03
CA LYS A 21 23.53 -13.40 -12.78
C LYS A 21 24.64 -12.54 -12.17
N GLY A 22 24.31 -11.33 -11.76
CA GLY A 22 25.30 -10.49 -11.08
C GLY A 22 25.86 -11.16 -9.84
N ILE A 23 24.99 -11.80 -9.06
CA ILE A 23 25.44 -12.50 -7.86
C ILE A 23 26.34 -13.68 -8.23
N GLU A 24 25.95 -14.44 -9.26
CA GLU A 24 26.74 -15.60 -9.66
C GLU A 24 28.11 -15.17 -10.17
N ASP A 25 28.15 -14.13 -11.01
CA ASP A 25 29.42 -13.61 -11.51
C ASP A 25 30.31 -13.15 -10.36
N GLU A 26 29.74 -12.40 -9.41
CA GLU A 26 30.50 -11.96 -8.25
C GLU A 26 30.92 -13.13 -7.38
N ALA A 27 30.19 -14.24 -7.42
CA ALA A 27 30.58 -15.41 -6.65
C ALA A 27 31.86 -16.03 -7.20
N LYS A 28 32.05 -15.97 -8.52
CA LYS A 28 33.26 -16.50 -9.13
C LYS A 28 34.45 -15.57 -8.89
N LYS A 29 34.22 -14.25 -8.92
CA LYS A 29 35.30 -13.31 -8.68
C LYS A 29 35.82 -13.41 -7.26
N LEU A 30 34.91 -13.56 -6.29
CA LEU A 30 35.30 -13.70 -4.90
C LEU A 30 35.62 -15.14 -4.50
N GLY A 31 35.27 -16.11 -5.35
CA GLY A 31 35.53 -17.50 -5.03
C GLY A 31 34.67 -18.07 -3.91
N VAL A 32 33.41 -17.66 -3.84
CA VAL A 32 32.50 -18.15 -2.81
C VAL A 32 31.34 -18.87 -3.49
N SER A 33 30.73 -19.78 -2.75
CA SER A 33 29.59 -20.56 -3.24
C SER A 33 28.31 -19.93 -2.70
N VAL A 34 27.41 -19.55 -3.61
CA VAL A 34 26.17 -18.87 -3.25
C VAL A 34 24.99 -19.69 -3.78
N ASP A 35 23.99 -19.87 -2.93
CA ASP A 35 22.73 -20.51 -3.30
C ASP A 35 21.65 -19.44 -3.40
N ILE A 36 21.02 -19.36 -4.57
CA ILE A 36 20.05 -18.31 -4.87
C ILE A 36 18.66 -18.94 -4.99
N PHE A 37 17.69 -18.37 -4.28
CA PHE A 37 16.34 -18.88 -4.24
C PHE A 37 15.35 -17.75 -4.43
N ALA A 38 14.11 -18.12 -4.74
CA ALA A 38 13.04 -17.14 -4.88
C ALA A 38 11.70 -17.86 -4.81
N ALA A 39 10.67 -17.11 -4.44
CA ALA A 39 9.32 -17.62 -4.51
C ALA A 39 8.91 -17.82 -5.97
N ALA A 40 7.73 -18.41 -6.16
CA ALA A 40 7.28 -18.75 -7.51
C ALA A 40 6.99 -17.49 -8.34
N SER A 41 6.36 -16.49 -7.74
CA SER A 41 5.97 -15.29 -8.47
C SER A 41 5.75 -14.15 -7.49
N GLU A 42 5.15 -13.06 -7.99
CA GLU A 42 5.13 -11.78 -7.27
C GLU A 42 4.17 -11.76 -6.09
N GLY A 43 3.17 -12.64 -6.06
CA GLY A 43 2.19 -12.63 -4.99
C GLY A 43 2.44 -13.57 -3.83
N ASP A 44 3.51 -14.37 -3.88
CA ASP A 44 3.71 -15.46 -2.93
C ASP A 44 4.50 -15.00 -1.71
N ALA A 45 4.03 -13.95 -1.04
CA ALA A 45 4.74 -13.43 0.14
C ALA A 45 4.85 -14.50 1.22
N GLU A 46 3.78 -15.28 1.42
CA GLU A 46 3.84 -16.34 2.43
C GLU A 46 4.80 -17.43 2.02
N ALA A 47 4.95 -17.70 0.73
CA ALA A 47 5.87 -18.75 0.29
C ALA A 47 7.32 -18.32 0.44
N GLN A 48 7.62 -17.05 0.15
CA GLN A 48 8.97 -16.54 0.35
C GLN A 48 9.35 -16.55 1.82
N LYS A 49 8.37 -16.34 2.71
CA LYS A 49 8.65 -16.36 4.14
C LYS A 49 9.02 -17.76 4.60
N SER A 50 8.26 -18.77 4.18
CA SER A 50 8.59 -20.14 4.52
C SER A 50 9.92 -20.56 3.91
N LEU A 51 10.22 -20.06 2.71
CA LEU A 51 11.51 -20.35 2.08
C LEU A 51 12.66 -19.76 2.88
N PHE A 52 12.51 -18.52 3.36
CA PHE A 52 13.55 -17.94 4.20
C PHE A 52 13.68 -18.71 5.52
N GLU A 53 12.55 -19.06 6.13
CA GLU A 53 12.60 -19.78 7.40
C GLU A 53 13.33 -21.11 7.26
N SER A 54 13.18 -21.78 6.10
CA SER A 54 13.84 -23.06 5.90
C SER A 54 15.35 -22.91 5.73
N LEU A 55 15.80 -21.77 5.21
CA LEU A 55 17.22 -21.54 5.02
C LEU A 55 17.93 -21.24 6.33
N SER A 56 17.26 -20.57 7.27
CA SER A 56 17.89 -20.14 8.51
C SER A 56 18.28 -21.32 9.37
N ASN A 57 17.94 -22.54 8.95
CA ASN A 57 18.27 -23.75 9.69
C ASN A 57 19.32 -24.60 8.99
N LYS A 58 19.95 -24.08 7.94
CA LYS A 58 21.10 -24.75 7.35
C LYS A 58 22.38 -24.19 7.98
N ASN A 59 23.40 -23.89 7.18
CA ASN A 59 24.65 -23.37 7.71
C ASN A 59 25.21 -22.27 6.80
N TYR A 60 24.42 -21.21 6.60
CA TYR A 60 24.86 -20.05 5.84
C TYR A 60 25.44 -19.00 6.79
N LYS A 61 26.61 -18.47 6.44
CA LYS A 61 27.17 -17.37 7.21
C LYS A 61 26.41 -16.06 6.95
N GLY A 62 25.94 -15.85 5.72
CA GLY A 62 25.22 -14.65 5.39
C GLY A 62 24.08 -14.95 4.44
N ILE A 63 23.01 -14.16 4.56
CA ILE A 63 21.83 -14.28 3.71
C ILE A 63 21.44 -12.89 3.25
N ALA A 64 21.60 -12.64 1.94
CA ALA A 64 21.01 -11.47 1.30
C ALA A 64 19.59 -11.80 0.87
N PHE A 65 18.73 -10.78 0.85
CA PHE A 65 17.33 -11.04 0.58
C PHE A 65 16.66 -9.79 0.04
N ALA A 66 15.72 -9.99 -0.86
CA ALA A 66 14.84 -8.94 -1.37
C ALA A 66 13.41 -9.35 -1.05
N PRO A 67 12.78 -8.77 -0.04
CA PRO A 67 11.45 -9.23 0.37
C PRO A 67 10.39 -8.82 -0.64
N LEU A 68 9.38 -9.68 -0.78
CA LEU A 68 8.26 -9.38 -1.65
C LEU A 68 7.48 -8.17 -1.14
N THR A 69 7.30 -8.08 0.17
CA THR A 69 6.72 -6.91 0.82
C THR A 69 7.65 -6.46 1.94
N LYS A 70 7.38 -5.27 2.48
CA LYS A 70 8.16 -4.78 3.60
C LYS A 70 7.93 -5.58 4.87
N ASP A 71 6.95 -6.48 4.88
CA ASP A 71 6.49 -7.14 6.09
C ASP A 71 6.69 -8.65 6.12
N ASN A 72 6.67 -9.32 4.96
CA ASN A 72 6.59 -10.77 4.96
C ASN A 72 7.83 -11.42 5.56
N LEU A 73 8.99 -10.77 5.46
CA LEU A 73 10.24 -11.35 5.93
C LEU A 73 10.73 -10.77 7.25
N VAL A 74 9.88 -10.04 7.97
CA VAL A 74 10.33 -9.38 9.20
C VAL A 74 10.72 -10.43 10.25
N GLU A 75 9.82 -11.40 10.51
CA GLU A 75 10.11 -12.39 11.54
C GLU A 75 11.29 -13.28 11.19
N PRO A 76 11.38 -13.90 10.02
CA PRO A 76 12.52 -14.79 9.76
C PRO A 76 13.86 -14.06 9.71
N VAL A 77 13.88 -12.79 9.30
CA VAL A 77 15.12 -12.04 9.31
C VAL A 77 15.55 -11.72 10.73
N ALA A 78 14.61 -11.32 11.58
CA ALA A 78 14.94 -11.03 12.97
C ALA A 78 15.49 -12.27 13.67
N ALA A 79 14.90 -13.44 13.40
CA ALA A 79 15.39 -14.68 13.99
C ALA A 79 16.79 -15.01 13.46
N ALA A 80 17.04 -14.72 12.19
CA ALA A 80 18.37 -14.97 11.63
C ALA A 80 19.40 -14.02 12.22
N TRP A 81 19.03 -12.76 12.43
CA TRP A 81 19.94 -11.81 13.07
C TRP A 81 20.27 -12.23 14.49
N LYS A 82 19.27 -12.65 15.25
CA LYS A 82 19.51 -13.14 16.61
C LYS A 82 20.44 -14.35 16.61
N LYS A 83 20.37 -15.16 15.56
CA LYS A 83 21.26 -16.30 15.38
C LYS A 83 22.68 -15.89 15.01
N GLY A 84 22.89 -14.64 14.62
CA GLY A 84 24.20 -14.20 14.17
C GLY A 84 24.44 -14.23 12.68
N THR A 85 23.40 -14.32 11.86
CA THR A 85 23.57 -14.32 10.41
C THR A 85 23.87 -12.91 9.91
N TYR A 86 24.85 -12.81 9.01
CA TYR A 86 25.14 -11.54 8.35
C TYR A 86 24.06 -11.29 7.30
N LEU A 87 23.16 -10.35 7.57
CA LEU A 87 22.01 -10.10 6.73
C LEU A 87 22.22 -8.84 5.89
N VAL A 88 21.85 -8.93 4.61
CA VAL A 88 21.89 -7.78 3.72
C VAL A 88 20.54 -7.66 3.04
N ASN A 89 19.92 -6.50 3.17
CA ASN A 89 18.65 -6.19 2.51
C ASN A 89 18.94 -5.71 1.10
N LEU A 90 18.30 -6.35 0.12
CA LEU A 90 18.50 -6.04 -1.29
C LEU A 90 17.29 -5.30 -1.84
N ASP A 91 17.52 -4.15 -2.47
CA ASP A 91 16.55 -3.51 -3.36
C ASP A 91 15.26 -3.05 -2.67
N GLU A 92 14.53 -3.98 -2.05
CA GLU A 92 13.24 -3.68 -1.45
C GLU A 92 13.39 -3.56 0.05
N LYS A 93 13.13 -2.36 0.59
CA LYS A 93 13.45 -2.08 1.98
C LYS A 93 12.51 -2.84 2.91
N ILE A 94 13.07 -3.71 3.74
CA ILE A 94 12.30 -4.32 4.80
C ILE A 94 11.90 -3.26 5.82
N ASP A 95 10.72 -3.43 6.41
CA ASP A 95 10.25 -2.52 7.46
C ASP A 95 11.21 -2.55 8.63
N MET A 96 12.09 -1.55 8.72
CA MET A 96 13.13 -1.56 9.74
C MET A 96 12.57 -1.30 11.13
N LYS A 97 11.46 -0.56 11.23
CA LYS A 97 10.84 -0.34 12.53
C LYS A 97 10.32 -1.65 13.10
N LYS A 98 9.58 -2.41 12.29
CA LYS A 98 9.05 -3.69 12.75
C LYS A 98 10.15 -4.72 12.93
N LEU A 99 11.19 -4.68 12.10
CA LEU A 99 12.32 -5.58 12.29
C LEU A 99 13.02 -5.30 13.60
N LYS A 100 13.20 -4.03 13.94
CA LYS A 100 13.76 -3.69 15.25
C LYS A 100 12.80 -4.12 16.36
N ALA A 101 11.50 -3.90 16.17
CA ALA A 101 10.52 -4.34 17.16
C ALA A 101 10.54 -5.85 17.33
N ALA A 102 10.82 -6.59 16.26
CA ALA A 102 10.97 -8.03 16.33
C ALA A 102 12.32 -8.45 16.88
N GLY A 103 13.21 -7.50 17.17
CA GLY A 103 14.51 -7.82 17.72
C GLY A 103 15.57 -8.19 16.70
N GLY A 104 15.51 -7.60 15.50
CA GLY A 104 16.49 -7.92 14.48
C GLY A 104 17.00 -6.67 13.78
N ALA A 105 17.98 -6.88 12.91
CA ALA A 105 18.57 -5.80 12.12
C ALA A 105 19.26 -6.43 10.91
N VAL A 106 19.83 -5.57 10.06
CA VAL A 106 20.59 -6.02 8.90
C VAL A 106 21.94 -5.29 8.87
N GLU A 107 22.92 -5.93 8.24
CA GLU A 107 24.22 -5.30 8.07
C GLU A 107 24.15 -4.11 7.13
N ALA A 108 23.43 -4.27 6.01
CA ALA A 108 23.44 -3.25 4.97
C ALA A 108 22.15 -3.32 4.16
N PHE A 109 21.90 -2.24 3.42
CA PHE A 109 20.78 -2.14 2.51
C PHE A 109 21.32 -1.66 1.17
N VAL A 110 21.21 -2.51 0.14
CA VAL A 110 21.73 -2.21 -1.19
C VAL A 110 20.54 -2.02 -2.11
N THR A 111 20.42 -0.82 -2.68
CA THR A 111 19.24 -0.46 -3.46
C THR A 111 19.61 0.67 -4.41
N THR A 112 18.61 1.13 -5.14
CA THR A 112 18.72 2.30 -6.00
C THR A 112 18.05 3.48 -5.31
N ASP A 113 18.54 4.68 -5.62
CA ASP A 113 17.86 5.88 -5.13
C ASP A 113 16.51 5.99 -5.84
N ASN A 114 15.50 5.33 -5.30
CA ASN A 114 14.23 5.21 -6.01
C ASN A 114 13.45 6.51 -6.04
N VAL A 115 13.71 7.43 -5.11
CA VAL A 115 13.16 8.78 -5.23
C VAL A 115 13.70 9.44 -6.49
N GLN A 116 14.99 9.28 -6.76
CA GLN A 116 15.55 9.84 -7.98
C GLN A 116 15.10 9.09 -9.22
N VAL A 117 14.82 7.79 -9.08
CA VAL A 117 14.24 7.03 -10.18
C VAL A 117 12.94 7.67 -10.63
N GLY A 118 12.01 7.86 -9.69
CA GLY A 118 10.75 8.49 -10.04
C GLY A 118 10.91 9.92 -10.52
N ALA A 119 11.81 10.66 -9.88
CA ALA A 119 12.07 12.04 -10.31
C ALA A 119 12.61 12.08 -11.73
N GLN A 120 13.48 11.12 -12.08
CA GLN A 120 14.02 11.09 -13.43
C GLN A 120 12.97 10.68 -14.45
N GLY A 121 12.13 9.70 -14.11
CA GLY A 121 11.04 9.34 -14.99
C GLY A 121 10.06 10.48 -15.22
N ALA A 122 9.70 11.17 -14.13
CA ALA A 122 8.78 12.30 -14.25
C ALA A 122 9.44 13.49 -14.91
N GLY A 123 10.71 13.74 -14.58
CA GLY A 123 11.42 14.87 -15.18
C GLY A 123 11.54 14.74 -16.68
N TYR A 124 11.78 13.52 -17.16
CA TYR A 124 11.79 13.31 -18.61
C TYR A 124 10.41 13.50 -19.20
N ILE A 125 9.36 13.21 -18.43
CA ILE A 125 8.00 13.44 -18.90
C ILE A 125 7.71 14.94 -18.98
N VAL A 126 8.09 15.69 -17.95
CA VAL A 126 7.78 17.12 -17.91
C VAL A 126 8.49 17.85 -19.04
N GLN A 127 9.74 17.48 -19.32
CA GLN A 127 10.47 18.13 -20.41
C GLN A 127 9.81 17.85 -21.75
N LYS A 128 9.45 16.60 -22.01
CA LYS A 128 8.87 16.23 -23.30
C LYS A 128 7.51 16.90 -23.53
N LEU A 129 6.74 17.13 -22.46
CA LEU A 129 5.44 17.77 -22.62
C LEU A 129 5.55 19.27 -22.90
N GLY A 130 6.66 19.90 -22.52
CA GLY A 130 6.86 21.30 -22.80
C GLY A 130 6.05 22.22 -21.90
N ALA A 131 5.86 23.45 -22.38
CA ALA A 131 5.15 24.48 -21.63
C ALA A 131 3.66 24.20 -21.52
N GLN A 132 3.12 23.36 -22.41
CA GLN A 132 1.70 23.02 -22.36
C GLN A 132 1.37 22.11 -21.19
N GLY A 133 2.35 21.32 -20.73
CA GLY A 133 2.13 20.34 -19.69
C GLY A 133 1.11 19.29 -20.09
N GLY A 134 0.01 19.20 -19.35
CA GLY A 134 -1.05 18.26 -19.62
C GLY A 134 -1.27 17.32 -18.44
N GLU A 135 -2.17 16.38 -18.68
CA GLU A 135 -2.51 15.40 -17.66
C GLU A 135 -1.51 14.25 -17.65
N VAL A 136 -1.08 13.86 -16.45
CA VAL A 136 -0.15 12.75 -16.27
C VAL A 136 -0.72 11.82 -15.22
N ALA A 137 -0.18 10.60 -15.19
CA ALA A 137 -0.60 9.58 -14.24
C ALA A 137 0.60 8.78 -13.78
N ILE A 138 0.45 8.11 -12.65
CA ILE A 138 1.49 7.27 -12.07
C ILE A 138 0.91 5.89 -11.82
N ILE A 139 1.47 4.88 -12.47
CA ILE A 139 1.12 3.49 -12.21
C ILE A 139 2.05 2.98 -11.12
N GLU A 140 1.48 2.66 -9.96
CA GLU A 140 2.28 2.31 -8.80
C GLU A 140 2.56 0.81 -8.74
N GLY A 141 3.61 0.46 -8.01
CA GLY A 141 3.88 -0.91 -7.66
C GLY A 141 2.96 -1.38 -6.56
N GLU A 142 3.28 -2.54 -6.00
CA GLU A 142 2.46 -3.10 -4.93
C GLU A 142 2.43 -2.15 -3.74
N ALA A 143 1.27 -2.05 -3.10
CA ALA A 143 1.07 -1.10 -2.02
C ALA A 143 1.94 -1.45 -0.82
N GLY A 144 2.59 -0.44 -0.26
CA GLY A 144 3.44 -0.61 0.90
C GLY A 144 4.91 -0.86 0.61
N ASN A 145 5.24 -1.26 -0.61
CA ASN A 145 6.64 -1.49 -0.98
C ASN A 145 7.37 -0.16 -1.08
N ALA A 146 8.46 -0.03 -0.32
CA ALA A 146 9.21 1.23 -0.29
C ALA A 146 9.80 1.58 -1.65
N SER A 147 10.19 0.57 -2.43
CA SER A 147 10.71 0.83 -3.76
C SER A 147 9.72 1.61 -4.60
N GLY A 148 8.47 1.14 -4.67
CA GLY A 148 7.45 1.87 -5.41
C GLY A 148 7.02 3.15 -4.71
N GLU A 149 6.94 3.13 -3.38
CA GLU A 149 6.64 4.34 -2.62
C GLU A 149 7.60 5.46 -2.96
N ALA A 150 8.90 5.15 -3.02
CA ALA A 150 9.89 6.18 -3.28
C ALA A 150 9.80 6.70 -4.71
N ARG A 151 9.60 5.80 -5.68
CA ARG A 151 9.43 6.24 -7.06
C ARG A 151 8.18 7.08 -7.23
N ARG A 152 7.09 6.69 -6.56
CA ARG A 152 5.86 7.47 -6.59
C ARG A 152 6.12 8.88 -6.03
N THR A 153 6.77 8.96 -4.87
CA THR A 153 7.09 10.26 -4.29
C THR A 153 7.95 11.10 -5.22
N GLY A 154 9.04 10.52 -5.73
CA GLY A 154 9.92 11.25 -6.61
C GLY A 154 9.23 11.77 -7.85
N ALA A 155 8.34 10.96 -8.43
CA ALA A 155 7.57 11.43 -9.58
C ALA A 155 6.58 12.51 -9.18
N THR A 156 5.91 12.34 -8.03
CA THR A 156 4.97 13.36 -7.56
C THR A 156 5.68 14.68 -7.30
N ASP A 157 6.85 14.64 -6.65
CA ASP A 157 7.58 15.87 -6.37
C ASP A 157 8.01 16.56 -7.64
N GLN A 158 8.50 15.80 -8.62
CA GLN A 158 8.91 16.41 -9.89
C GLN A 158 7.72 16.94 -10.67
N PHE A 159 6.56 16.30 -10.53
CA PHE A 159 5.35 16.79 -11.20
C PHE A 159 4.79 18.03 -10.51
N ALA A 160 4.80 18.06 -9.18
CA ALA A 160 4.36 19.24 -8.45
C ALA A 160 5.26 20.44 -8.70
N LYS A 161 6.45 20.24 -9.26
CA LYS A 161 7.36 21.33 -9.58
C LYS A 161 6.85 22.16 -10.76
N ALA A 162 6.25 21.51 -11.74
CA ALA A 162 5.73 22.19 -12.92
C ALA A 162 4.25 22.48 -12.72
N SER A 163 3.86 23.74 -12.90
CA SER A 163 2.50 24.18 -12.61
C SER A 163 1.51 23.88 -13.74
N ASN A 164 1.99 23.49 -14.92
CA ASN A 164 1.11 23.08 -16.01
C ASN A 164 0.96 21.57 -16.09
N ILE A 165 1.44 20.84 -15.09
CA ILE A 165 1.28 19.40 -14.99
C ILE A 165 0.16 19.11 -14.01
N LYS A 166 -0.70 18.14 -14.35
CA LYS A 166 -1.83 17.77 -13.51
C LYS A 166 -1.75 16.28 -13.22
N LEU A 167 -1.72 15.93 -11.94
CA LEU A 167 -1.69 14.53 -11.51
C LEU A 167 -3.13 14.06 -11.37
N VAL A 168 -3.65 13.42 -12.41
CA VAL A 168 -5.05 12.99 -12.42
C VAL A 168 -5.26 11.61 -11.84
N ALA A 169 -4.21 10.80 -11.72
CA ALA A 169 -4.37 9.42 -11.25
C ALA A 169 -3.05 8.91 -10.71
N SER A 170 -3.15 8.07 -9.67
CA SER A 170 -1.99 7.40 -9.08
C SER A 170 -2.53 6.12 -8.44
N GLN A 171 -2.49 5.02 -9.21
CA GLN A 171 -3.11 3.77 -8.78
C GLN A 171 -2.12 2.63 -8.89
N PRO A 172 -2.16 1.67 -7.96
CA PRO A 172 -1.25 0.53 -8.02
C PRO A 172 -1.67 -0.49 -9.07
N ALA A 173 -0.66 -1.13 -9.67
CA ALA A 173 -0.88 -2.27 -10.55
C ALA A 173 -0.03 -3.47 -10.14
N ASP A 174 0.58 -3.42 -8.96
CA ASP A 174 1.09 -4.61 -8.26
C ASP A 174 2.21 -5.31 -9.04
N TRP A 175 3.03 -4.53 -9.74
CA TRP A 175 4.11 -5.06 -10.58
C TRP A 175 3.60 -6.06 -11.61
N ASP A 176 2.32 -6.03 -11.93
CA ASP A 176 1.69 -7.04 -12.78
C ASP A 176 1.36 -6.44 -14.14
N ARG A 177 1.79 -7.13 -15.20
CA ARG A 177 1.59 -6.60 -16.55
C ARG A 177 0.12 -6.58 -16.93
N THR A 178 -0.62 -7.64 -16.61
CA THR A 178 -2.04 -7.68 -16.91
C THR A 178 -2.80 -6.62 -16.11
N LYS A 179 -2.52 -6.52 -14.81
CA LYS A 179 -3.17 -5.51 -13.98
C LYS A 179 -2.89 -4.11 -14.48
N ALA A 180 -1.68 -3.87 -15.01
CA ALA A 180 -1.32 -2.53 -15.48
C ALA A 180 -2.08 -2.17 -16.75
N LYS A 181 -2.27 -3.14 -17.65
CA LYS A 181 -3.09 -2.86 -18.83
C LYS A 181 -4.52 -2.55 -18.45
N GLN A 182 -5.03 -3.20 -17.40
CA GLN A 182 -6.37 -2.90 -16.91
C GLN A 182 -6.43 -1.51 -16.30
N VAL A 183 -5.50 -1.20 -15.40
CA VAL A 183 -5.50 0.11 -14.73
C VAL A 183 -5.29 1.23 -15.75
N ALA A 184 -4.36 1.04 -16.68
CA ALA A 184 -4.10 2.08 -17.67
C ALA A 184 -5.30 2.29 -18.59
N THR A 185 -6.04 1.22 -18.89
CA THR A 185 -7.25 1.38 -19.70
C THR A 185 -8.29 2.22 -18.95
N GLU A 186 -8.46 1.95 -17.65
CA GLU A 186 -9.32 2.77 -16.82
C GLU A 186 -8.91 4.24 -16.88
N ILE A 187 -7.61 4.52 -16.78
CA ILE A 187 -7.14 5.90 -16.80
C ILE A 187 -7.44 6.55 -18.14
N LEU A 188 -7.22 5.83 -19.23
CA LEU A 188 -7.53 6.35 -20.55
C LEU A 188 -9.02 6.62 -20.73
N ALA A 189 -9.87 5.82 -20.08
CA ALA A 189 -11.31 6.03 -20.18
C ALA A 189 -11.76 7.19 -19.30
N LYS A 190 -11.19 7.31 -18.11
CA LYS A 190 -11.61 8.36 -17.18
C LYS A 190 -10.91 9.68 -17.43
N ASN A 191 -9.79 9.68 -18.14
CA ASN A 191 -9.06 10.89 -18.49
C ASN A 191 -8.58 10.75 -19.92
N PRO A 192 -9.45 11.01 -20.90
CA PRO A 192 -9.07 10.76 -22.30
C PRO A 192 -7.98 11.67 -22.82
N ASN A 193 -7.77 12.84 -22.20
CA ASN A 193 -6.70 13.75 -22.61
C ASN A 193 -5.41 13.52 -21.86
N ILE A 194 -5.24 12.33 -21.26
CA ILE A 194 -4.02 12.05 -20.53
C ILE A 194 -2.85 12.02 -21.49
N LYS A 195 -1.71 12.57 -21.05
CA LYS A 195 -0.57 12.79 -21.93
C LYS A 195 0.62 11.90 -21.66
N ALA A 196 0.79 11.42 -20.43
CA ALA A 196 1.98 10.66 -20.09
C ALA A 196 1.72 9.85 -18.84
N ILE A 197 2.29 8.65 -18.80
CA ILE A 197 2.15 7.75 -17.67
C ILE A 197 3.54 7.31 -17.24
N TYR A 198 3.88 7.54 -15.97
CA TYR A 198 5.07 6.94 -15.39
C TYR A 198 4.68 5.67 -14.64
N CYS A 199 5.50 4.63 -14.81
CA CYS A 199 5.23 3.33 -14.22
C CYS A 199 6.41 2.91 -13.34
N ALA A 200 6.07 2.39 -12.15
CA ALA A 200 7.08 2.05 -11.16
C ALA A 200 8.03 0.95 -11.61
N ASN A 201 7.64 0.13 -12.60
CA ASN A 201 8.57 -0.84 -13.18
C ASN A 201 8.12 -1.15 -14.61
N ASP A 202 8.99 -1.89 -15.32
CA ASP A 202 8.79 -2.10 -16.74
C ASP A 202 7.72 -3.15 -17.04
N THR A 203 7.57 -4.15 -16.17
CA THR A 203 6.50 -5.12 -16.32
C THR A 203 5.15 -4.41 -16.47
N MET A 204 4.90 -3.42 -15.61
CA MET A 204 3.68 -2.64 -15.71
C MET A 204 3.71 -1.71 -16.91
N ALA A 205 4.88 -1.10 -17.18
CA ALA A 205 4.99 -0.17 -18.30
C ALA A 205 4.65 -0.85 -19.62
N LEU A 206 5.09 -2.09 -19.80
CA LEU A 206 4.78 -2.82 -21.03
C LEU A 206 3.29 -3.12 -21.12
N GLY A 207 2.67 -3.46 -19.99
CA GLY A 207 1.22 -3.62 -19.98
C GLY A 207 0.48 -2.31 -20.22
N VAL A 208 1.02 -1.20 -19.74
CA VAL A 208 0.42 0.10 -20.04
C VAL A 208 0.50 0.37 -21.54
N ALA A 209 1.66 0.06 -22.15
CA ALA A 209 1.80 0.23 -23.59
C ALA A 209 0.81 -0.63 -24.36
N ASP A 210 0.48 -1.80 -23.82
CA ASP A 210 -0.56 -2.63 -24.43
C ASP A 210 -1.91 -1.93 -24.41
N ALA A 211 -2.26 -1.33 -23.27
CA ALA A 211 -3.53 -0.60 -23.18
C ALA A 211 -3.53 0.62 -24.09
N VAL A 212 -2.41 1.33 -24.16
CA VAL A 212 -2.30 2.48 -25.05
C VAL A 212 -2.45 2.05 -26.50
N ALA A 213 -1.91 0.88 -26.85
CA ALA A 213 -2.04 0.39 -28.22
C ALA A 213 -3.48 -0.01 -28.53
N ASP A 214 -4.14 -0.70 -27.61
CA ASP A 214 -5.54 -1.06 -27.81
C ASP A 214 -6.40 0.17 -28.08
N ALA A 215 -6.15 1.26 -27.36
CA ALA A 215 -6.87 2.50 -27.60
C ALA A 215 -6.35 3.27 -28.81
N GLY A 216 -5.35 2.75 -29.51
CA GLY A 216 -4.82 3.41 -30.69
C GLY A 216 -4.11 4.71 -30.42
N LYS A 217 -3.50 4.87 -29.24
CA LYS A 217 -2.85 6.12 -28.87
C LYS A 217 -1.34 5.96 -28.71
N THR A 218 -0.77 4.98 -29.41
CA THR A 218 0.68 4.77 -29.36
C THR A 218 1.40 5.99 -29.91
N GLY A 219 2.21 6.62 -29.04
CA GLY A 219 2.85 7.87 -29.36
C GLY A 219 2.09 9.10 -28.88
N LYS A 220 0.77 8.99 -28.75
CA LYS A 220 -0.01 10.10 -28.23
C LYS A 220 0.15 10.22 -26.72
N VAL A 221 0.45 9.11 -26.06
CA VAL A 221 0.63 9.07 -24.60
C VAL A 221 2.03 8.57 -24.32
N LEU A 222 2.80 9.36 -23.57
CA LEU A 222 4.13 8.94 -23.17
C LEU A 222 4.02 7.81 -22.15
N VAL A 223 4.94 6.85 -22.24
CA VAL A 223 4.99 5.72 -21.33
C VAL A 223 6.43 5.55 -20.87
N VAL A 224 6.71 5.92 -19.62
CA VAL A 224 8.04 5.78 -19.03
C VAL A 224 8.00 4.66 -18.01
N GLY A 225 8.93 3.73 -18.12
CA GLY A 225 9.04 2.61 -17.22
C GLY A 225 10.18 2.75 -16.23
N THR A 226 10.53 1.63 -15.59
CA THR A 226 11.65 1.56 -14.67
C THR A 226 12.13 0.12 -14.64
N ASP A 227 13.46 -0.05 -14.73
CA ASP A 227 14.26 -1.27 -14.54
C ASP A 227 15.25 -1.43 -15.68
N GLY A 228 14.82 -1.12 -16.90
CA GLY A 228 15.66 -1.31 -18.06
C GLY A 228 15.77 -2.76 -18.50
N ILE A 229 14.68 -3.51 -18.40
CA ILE A 229 14.67 -4.92 -18.81
C ILE A 229 14.73 -4.96 -20.33
N PRO A 230 15.23 -6.06 -20.93
CA PRO A 230 15.40 -6.08 -22.39
C PRO A 230 14.15 -5.75 -23.18
N GLU A 231 13.00 -6.32 -22.80
CA GLU A 231 11.78 -6.09 -23.57
C GLU A 231 11.35 -4.62 -23.48
N ALA A 232 11.63 -3.96 -22.35
CA ALA A 232 11.28 -2.55 -22.23
C ALA A 232 12.19 -1.68 -23.08
N GLN A 233 13.48 -1.99 -23.13
CA GLN A 233 14.40 -1.20 -23.94
C GLN A 233 14.14 -1.42 -25.42
N GLU A 234 13.84 -2.65 -25.82
CA GLU A 234 13.41 -2.88 -27.20
C GLU A 234 12.10 -2.18 -27.50
N ALA A 235 11.22 -2.03 -26.49
CA ALA A 235 10.02 -1.24 -26.68
C ALA A 235 10.35 0.24 -26.78
N VAL A 236 11.30 0.72 -25.97
CA VAL A 236 11.73 2.11 -26.05
C VAL A 236 12.39 2.39 -27.39
N LYS A 237 13.15 1.42 -27.92
CA LYS A 237 13.83 1.62 -29.20
C LYS A 237 12.91 1.41 -30.39
N ALA A 238 11.75 0.79 -30.20
CA ALA A 238 10.79 0.58 -31.27
C ALA A 238 9.61 1.53 -31.18
N GLY A 239 9.63 2.47 -30.24
CA GLY A 239 8.55 3.44 -30.08
C GLY A 239 7.37 2.97 -29.26
N LYS A 240 7.37 1.72 -28.79
CA LYS A 240 6.26 1.25 -27.97
C LYS A 240 6.26 1.87 -26.58
N MET A 241 7.45 2.21 -26.07
CA MET A 241 7.61 2.97 -24.84
C MET A 241 8.44 4.20 -25.13
N THR A 242 8.24 5.24 -24.32
CA THR A 242 8.99 6.47 -24.52
C THR A 242 10.39 6.38 -23.91
N ALA A 243 10.48 5.84 -22.70
CA ALA A 243 11.75 5.74 -21.99
C ALA A 243 11.56 4.78 -20.83
N THR A 244 12.68 4.48 -20.16
CA THR A 244 12.63 3.69 -18.93
C THR A 244 13.85 4.06 -18.10
N VAL A 245 13.63 4.24 -16.79
CA VAL A 245 14.71 4.52 -15.86
C VAL A 245 15.39 3.20 -15.55
N ALA A 246 16.51 2.94 -16.20
CA ALA A 246 17.20 1.67 -16.03
C ALA A 246 17.84 1.58 -14.65
N GLN A 247 17.64 0.45 -13.98
CA GLN A 247 18.37 0.11 -12.78
C GLN A 247 19.50 -0.85 -13.14
N ASN A 248 20.33 -1.16 -12.14
CA ASN A 248 21.46 -2.07 -12.29
C ASN A 248 21.29 -3.22 -11.30
N PRO A 249 20.36 -4.15 -11.55
CA PRO A 249 20.14 -5.25 -10.60
C PRO A 249 21.35 -6.14 -10.41
N ALA A 250 22.15 -6.34 -11.46
CA ALA A 250 23.36 -7.14 -11.31
C ALA A 250 24.29 -6.54 -10.26
N ALA A 251 24.50 -5.22 -10.33
CA ALA A 251 25.36 -4.57 -9.34
C ALA A 251 24.73 -4.58 -7.96
N ILE A 252 23.41 -4.41 -7.88
CA ILE A 252 22.71 -4.49 -6.59
C ILE A 252 22.96 -5.86 -5.96
N GLY A 253 22.82 -6.92 -6.76
CA GLY A 253 23.06 -8.25 -6.23
C GLY A 253 24.53 -8.53 -5.98
N ALA A 254 25.40 -8.10 -6.89
CA ALA A 254 26.83 -8.33 -6.72
C ALA A 254 27.36 -7.61 -5.50
N THR A 255 26.97 -6.35 -5.32
CA THR A 255 27.42 -5.58 -4.15
C THR A 255 26.92 -6.21 -2.86
N GLY A 256 25.65 -6.63 -2.85
CA GLY A 256 25.12 -7.28 -1.66
C GLY A 256 25.90 -8.52 -1.27
N LEU A 257 26.38 -9.27 -2.27
CA LEU A 257 27.20 -10.44 -1.98
C LEU A 257 28.54 -10.03 -1.39
N LYS A 258 29.22 -9.06 -2.01
CA LYS A 258 30.52 -8.65 -1.52
C LYS A 258 30.46 -8.10 -0.10
N LEU A 259 29.36 -7.44 0.25
CA LEU A 259 29.21 -6.95 1.61
C LEU A 259 29.13 -8.09 2.60
N MET A 260 28.45 -9.17 2.23
CA MET A 260 28.39 -10.33 3.14
C MET A 260 29.75 -10.99 3.26
N VAL A 261 30.51 -11.06 2.17
CA VAL A 261 31.83 -11.69 2.22
C VAL A 261 32.79 -10.82 3.03
N ASP A 262 32.71 -9.50 2.88
CA ASP A 262 33.58 -8.60 3.64
C ASP A 262 33.19 -8.59 5.12
N ALA A 263 31.92 -8.26 5.41
CA ALA A 263 31.46 -8.20 6.79
C ALA A 263 31.56 -9.55 7.50
N GLU A 264 31.68 -10.64 6.75
CA GLU A 264 31.85 -11.95 7.39
C GLU A 264 33.14 -12.04 8.19
N LYS A 265 34.14 -11.24 7.82
CA LYS A 265 35.39 -11.24 8.58
C LYS A 265 35.26 -10.53 9.92
N LYS A 266 34.36 -9.55 10.03
CA LYS A 266 34.24 -8.73 11.24
C LYS A 266 33.89 -9.55 12.48
N GLY A 267 33.42 -10.78 12.34
CA GLY A 267 33.21 -11.67 13.47
C GLY A 267 32.03 -11.29 14.33
N LYS A 268 31.42 -10.15 14.00
CA LYS A 268 30.33 -9.58 14.76
C LYS A 268 29.25 -9.12 13.80
N VAL A 269 28.00 -9.39 14.15
CA VAL A 269 26.87 -8.83 13.43
C VAL A 269 26.71 -7.37 13.85
N ILE A 270 25.86 -6.64 13.14
CA ILE A 270 25.65 -5.23 13.46
C ILE A 270 24.83 -5.12 14.74
N PRO A 271 25.15 -4.20 15.64
CA PRO A 271 24.31 -4.00 16.83
C PRO A 271 22.88 -3.63 16.46
N LEU A 272 21.97 -3.86 17.41
CA LEU A 272 20.55 -3.71 17.15
C LEU A 272 20.16 -2.29 16.73
N ASP A 273 20.84 -1.29 17.29
CA ASP A 273 20.49 0.10 17.06
C ASP A 273 21.45 0.82 16.10
N LYS A 274 22.54 0.19 15.69
CA LYS A 274 23.40 0.75 14.67
C LYS A 274 22.70 0.68 13.32
N ALA A 275 22.51 1.84 12.68
CA ALA A 275 21.85 1.85 11.39
C ALA A 275 22.72 1.13 10.35
N PRO A 276 22.12 0.32 9.48
CA PRO A 276 22.93 -0.49 8.56
C PRO A 276 23.61 0.37 7.50
N GLN A 277 24.63 -0.20 6.88
CA GLN A 277 25.23 0.42 5.71
C GLN A 277 24.17 0.67 4.66
N TYR A 278 24.35 1.74 3.90
CA TYR A 278 23.36 2.22 2.94
C TYR A 278 24.09 2.45 1.62
N VAL A 279 24.00 1.48 0.71
CA VAL A 279 24.72 1.52 -0.56
C VAL A 279 23.71 1.80 -1.67
N LEU A 280 24.00 2.82 -2.47
CA LEU A 280 23.11 3.25 -3.54
C LEU A 280 23.74 2.92 -4.89
N VAL A 281 22.98 2.24 -5.74
CA VAL A 281 23.40 1.90 -7.09
C VAL A 281 22.76 2.89 -8.04
N ALA A 282 23.56 3.49 -8.91
CA ALA A 282 23.07 4.54 -9.79
C ALA A 282 22.08 3.99 -10.81
N SER A 283 21.28 4.91 -11.35
CA SER A 283 20.28 4.59 -12.37
C SER A 283 20.45 5.57 -13.52
N LYS A 284 20.28 5.07 -14.74
CA LYS A 284 20.40 5.90 -15.93
C LYS A 284 19.10 5.87 -16.73
N LEU A 285 18.78 7.00 -17.34
CA LEU A 285 17.58 7.11 -18.17
C LEU A 285 17.86 6.58 -19.56
N VAL A 286 17.08 5.60 -20.00
CA VAL A 286 17.24 4.98 -21.31
C VAL A 286 16.12 5.48 -22.21
N THR A 287 16.50 6.18 -23.29
CA THR A 287 15.59 6.59 -24.35
C THR A 287 16.08 6.01 -25.67
N ALA A 288 15.31 6.28 -26.74
CA ALA A 288 15.73 5.84 -28.06
C ALA A 288 16.89 6.66 -28.62
N LEU A 289 17.20 7.80 -28.01
CA LEU A 289 18.37 8.59 -28.36
C LEU A 289 19.46 8.38 -27.32
N GLU A 290 20.70 8.59 -27.74
CA GLU A 290 21.86 8.41 -26.89
C GLU A 290 22.85 9.53 -27.21
N HIS A 291 23.13 10.39 -26.24
CA HIS A 291 23.92 11.60 -26.46
C HIS A 291 25.34 11.42 -25.94
N HIS A 292 26.30 11.93 -26.72
CA HIS A 292 27.70 11.93 -26.34
C HIS A 292 28.34 13.23 -26.78
N HIS A 293 29.46 13.57 -26.16
CA HIS A 293 30.19 14.82 -26.42
C HIS A 293 29.31 16.04 -26.22
N ALA B 1 -20.78 -19.13 23.78
CA ALA B 1 -21.30 -19.93 22.68
C ALA B 1 -22.66 -19.42 22.22
N ALA B 2 -22.67 -18.31 21.50
CA ALA B 2 -23.90 -17.70 21.01
C ALA B 2 -24.24 -18.29 19.63
N LYS B 3 -25.14 -17.64 18.89
CA LYS B 3 -25.52 -18.09 17.56
C LYS B 3 -24.76 -17.39 16.45
N TYR B 4 -24.24 -16.18 16.70
CA TYR B 4 -23.49 -15.44 15.70
C TYR B 4 -22.24 -14.85 16.35
N ALA B 5 -21.17 -14.78 15.55
CA ALA B 5 -19.89 -14.25 16.00
C ALA B 5 -19.48 -13.09 15.11
N VAL B 6 -18.84 -12.09 15.72
CA VAL B 6 -18.36 -10.92 15.01
C VAL B 6 -16.87 -10.77 15.30
N VAL B 7 -16.10 -10.48 14.26
CA VAL B 7 -14.65 -10.30 14.35
C VAL B 7 -14.31 -8.92 13.80
N LEU B 8 -13.98 -7.99 14.69
CA LEU B 8 -13.65 -6.63 14.29
C LEU B 8 -12.14 -6.40 14.35
N LYS B 9 -11.71 -5.28 13.78
CA LYS B 9 -10.29 -4.94 13.80
C LYS B 9 -9.78 -4.79 15.22
N THR B 10 -10.55 -4.12 16.07
CA THR B 10 -10.20 -3.94 17.48
C THR B 10 -11.47 -3.65 18.25
N LEU B 11 -11.34 -3.62 19.57
CA LEU B 11 -12.44 -3.26 20.46
C LEU B 11 -12.11 -2.07 21.35
N THR B 12 -10.99 -1.38 21.08
CA THR B 12 -10.57 -0.24 21.89
C THR B 12 -10.65 1.09 21.15
N ASP B 13 -10.66 1.09 19.82
CA ASP B 13 -10.75 2.35 19.08
C ASP B 13 -12.21 2.78 18.98
N PRO B 14 -12.48 4.09 19.10
CA PRO B 14 -13.89 4.54 19.16
C PRO B 14 -14.73 4.13 17.95
N PHE B 15 -14.15 4.14 16.75
CA PHE B 15 -14.89 3.69 15.57
C PHE B 15 -15.39 2.27 15.73
N TRP B 16 -14.55 1.38 16.26
CA TRP B 16 -14.92 -0.02 16.37
C TRP B 16 -15.72 -0.30 17.63
N VAL B 17 -15.55 0.50 18.68
CA VAL B 17 -16.43 0.40 19.83
C VAL B 17 -17.85 0.80 19.44
N ASN B 18 -17.99 1.82 18.59
CA ASN B 18 -19.31 2.22 18.10
C ASN B 18 -19.95 1.10 17.29
N MET B 19 -19.16 0.43 16.44
CA MET B 19 -19.71 -0.69 15.67
C MET B 19 -20.11 -1.83 16.59
N LYS B 20 -19.28 -2.13 17.59
CA LYS B 20 -19.62 -3.18 18.55
C LYS B 20 -20.95 -2.90 19.24
N LYS B 21 -21.17 -1.64 19.66
CA LYS B 21 -22.45 -1.29 20.26
C LYS B 21 -23.58 -1.37 19.24
N GLY B 22 -23.32 -0.99 17.99
CA GLY B 22 -24.35 -1.08 16.96
C GLY B 22 -24.84 -2.51 16.75
N ILE B 23 -23.92 -3.46 16.76
CA ILE B 23 -24.30 -4.87 16.67
C ILE B 23 -25.04 -5.30 17.93
N GLU B 24 -24.55 -4.87 19.10
CA GLU B 24 -25.20 -5.24 20.36
C GLU B 24 -26.63 -4.72 20.42
N ASP B 25 -26.85 -3.46 20.02
CA ASP B 25 -28.20 -2.91 19.97
C ASP B 25 -29.06 -3.66 18.96
N GLU B 26 -28.50 -3.94 17.78
CA GLU B 26 -29.26 -4.66 16.76
C GLU B 26 -29.52 -6.11 17.16
N ALA B 27 -28.67 -6.67 18.01
CA ALA B 27 -28.86 -8.06 18.43
C ALA B 27 -30.15 -8.24 19.21
N LYS B 28 -30.53 -7.23 20.01
CA LYS B 28 -31.74 -7.34 20.81
C LYS B 28 -32.99 -7.16 19.96
N LYS B 29 -32.97 -6.21 19.02
CA LYS B 29 -34.13 -5.99 18.15
C LYS B 29 -34.43 -7.23 17.32
N LEU B 30 -33.41 -8.02 17.00
CA LEU B 30 -33.59 -9.24 16.24
C LEU B 30 -33.63 -10.49 17.12
N GLY B 31 -33.35 -10.35 18.42
CA GLY B 31 -33.43 -11.46 19.36
C GLY B 31 -32.27 -12.43 19.33
N VAL B 32 -31.38 -12.34 18.35
CA VAL B 32 -30.29 -13.30 18.24
C VAL B 32 -29.21 -12.98 19.25
N SER B 33 -28.40 -13.99 19.57
CA SER B 33 -27.27 -13.85 20.48
C SER B 33 -25.99 -13.67 19.67
N VAL B 34 -25.17 -12.70 20.08
CA VAL B 34 -23.98 -12.30 19.33
C VAL B 34 -22.80 -12.23 20.28
N ASP B 35 -21.68 -12.82 19.87
CA ASP B 35 -20.40 -12.72 20.58
C ASP B 35 -19.41 -11.98 19.70
N ILE B 36 -18.79 -10.94 20.25
CA ILE B 36 -17.94 -10.03 19.49
C ILE B 36 -16.52 -10.10 20.05
N PHE B 37 -15.56 -10.34 19.17
CA PHE B 37 -14.15 -10.43 19.54
C PHE B 37 -13.32 -9.62 18.56
N ALA B 38 -12.03 -9.47 18.87
CA ALA B 38 -11.15 -8.68 18.02
C ALA B 38 -9.70 -9.02 18.34
N ALA B 39 -8.80 -8.36 17.62
CA ALA B 39 -7.36 -8.50 17.82
C ALA B 39 -6.86 -7.43 18.79
N ALA B 40 -5.60 -7.57 19.21
CA ALA B 40 -5.06 -6.69 20.23
C ALA B 40 -4.82 -5.28 19.71
N SER B 41 -4.12 -5.16 18.59
CA SER B 41 -3.77 -3.85 18.03
C SER B 41 -4.12 -3.80 16.55
N GLU B 42 -3.95 -2.61 15.98
CA GLU B 42 -4.24 -2.41 14.56
C GLU B 42 -3.31 -3.22 13.66
N GLY B 43 -2.15 -3.62 14.16
CA GLY B 43 -1.24 -4.41 13.36
C GLY B 43 -1.07 -5.83 13.86
N ASP B 44 -2.17 -6.56 13.99
CA ASP B 44 -2.16 -7.95 14.42
C ASP B 44 -2.87 -8.84 13.40
N ALA B 45 -2.52 -8.67 12.13
CA ALA B 45 -3.21 -9.39 11.07
C ALA B 45 -3.11 -10.90 11.26
N GLU B 46 -1.96 -11.40 11.70
CA GLU B 46 -1.82 -12.83 11.92
C GLU B 46 -2.60 -13.28 13.15
N ALA B 47 -2.63 -12.46 14.20
CA ALA B 47 -3.39 -12.83 15.39
C ALA B 47 -4.89 -12.83 15.10
N GLN B 48 -5.36 -11.89 14.27
CA GLN B 48 -6.77 -11.88 13.90
C GLN B 48 -7.13 -13.11 13.09
N LYS B 49 -6.22 -13.57 12.22
CA LYS B 49 -6.46 -14.81 11.49
C LYS B 49 -6.62 -15.99 12.43
N SER B 50 -5.80 -16.05 13.49
CA SER B 50 -5.91 -17.13 14.46
C SER B 50 -7.21 -17.02 15.25
N LEU B 51 -7.58 -15.80 15.65
CA LEU B 51 -8.84 -15.60 16.37
C LEU B 51 -10.01 -16.08 15.54
N PHE B 52 -10.00 -15.79 14.24
CA PHE B 52 -11.07 -16.24 13.36
C PHE B 52 -11.12 -17.77 13.29
N GLU B 53 -9.97 -18.43 13.38
CA GLU B 53 -9.94 -19.88 13.26
C GLU B 53 -10.38 -20.55 14.56
N SER B 54 -10.05 -19.97 15.71
CA SER B 54 -10.51 -20.53 16.98
C SER B 54 -12.02 -20.47 17.09
N LEU B 55 -12.65 -19.50 16.43
CA LEU B 55 -14.11 -19.44 16.34
C LEU B 55 -14.64 -20.37 15.27
N SER B 56 -13.89 -20.52 14.17
CA SER B 56 -14.32 -21.40 13.10
C SER B 56 -14.39 -22.86 13.56
N ASN B 57 -13.70 -23.19 14.65
CA ASN B 57 -13.84 -24.53 15.24
C ASN B 57 -15.16 -24.67 15.97
N LYS B 58 -15.52 -23.67 16.77
CA LYS B 58 -16.79 -23.70 17.47
C LYS B 58 -17.96 -23.59 16.49
N ASN B 59 -19.15 -23.94 16.97
CA ASN B 59 -20.30 -24.11 16.09
C ASN B 59 -21.13 -22.82 15.98
N TYR B 60 -20.49 -21.73 15.60
CA TYR B 60 -21.23 -20.54 15.21
C TYR B 60 -21.88 -20.76 13.85
N LYS B 61 -23.09 -20.26 13.68
CA LYS B 61 -23.79 -20.40 12.41
C LYS B 61 -23.55 -19.24 11.46
N GLY B 62 -23.19 -18.08 11.98
CA GLY B 62 -22.88 -16.93 11.15
C GLY B 62 -21.74 -16.13 11.73
N ILE B 63 -20.92 -15.57 10.85
CA ILE B 63 -19.76 -14.79 11.27
C ILE B 63 -19.65 -13.56 10.38
N ALA B 64 -19.74 -12.38 10.98
CA ALA B 64 -19.47 -11.11 10.31
C ALA B 64 -18.11 -10.61 10.77
N PHE B 65 -17.28 -10.19 9.83
CA PHE B 65 -15.90 -9.87 10.16
C PHE B 65 -15.46 -8.57 9.49
N ALA B 66 -14.55 -7.87 10.16
CA ALA B 66 -13.87 -6.71 9.59
C ALA B 66 -12.38 -7.00 9.57
N PRO B 67 -11.82 -7.39 8.43
CA PRO B 67 -10.43 -7.85 8.40
C PRO B 67 -9.45 -6.70 8.54
N LEU B 68 -8.31 -7.00 9.17
CA LEU B 68 -7.26 -6.00 9.32
C LEU B 68 -6.62 -5.67 7.98
N THR B 69 -6.44 -6.68 7.13
CA THR B 69 -5.99 -6.48 5.76
C THR B 69 -6.90 -7.26 4.82
N LYS B 70 -6.76 -6.99 3.53
CA LYS B 70 -7.52 -7.73 2.54
C LYS B 70 -7.13 -9.20 2.47
N ASP B 71 -5.95 -9.55 2.97
CA ASP B 71 -5.42 -10.91 2.81
C ASP B 71 -5.49 -11.75 4.08
N ASN B 72 -5.44 -11.12 5.26
CA ASN B 72 -5.20 -11.88 6.49
C ASN B 72 -6.32 -12.87 6.78
N LEU B 73 -7.54 -12.59 6.33
CA LEU B 73 -8.68 -13.46 6.60
C LEU B 73 -9.14 -14.23 5.36
N VAL B 74 -8.43 -14.10 4.24
CA VAL B 74 -8.83 -14.80 3.01
C VAL B 74 -8.90 -16.31 3.26
N GLU B 75 -7.88 -16.86 3.92
CA GLU B 75 -7.85 -18.30 4.12
C GLU B 75 -8.86 -18.77 5.15
N PRO B 76 -8.96 -18.20 6.36
CA PRO B 76 -9.94 -18.71 7.32
C PRO B 76 -11.39 -18.45 6.94
N VAL B 77 -11.67 -17.32 6.27
CA VAL B 77 -13.04 -17.05 5.83
C VAL B 77 -13.45 -18.06 4.76
N ALA B 78 -12.57 -18.30 3.78
CA ALA B 78 -12.86 -19.32 2.78
C ALA B 78 -13.03 -20.69 3.41
N ALA B 79 -12.31 -20.96 4.50
CA ALA B 79 -12.51 -22.20 5.24
C ALA B 79 -13.88 -22.24 5.90
N ALA B 80 -14.39 -21.09 6.36
CA ALA B 80 -15.68 -21.08 7.03
C ALA B 80 -16.84 -21.17 6.04
N TRP B 81 -16.65 -20.70 4.81
CA TRP B 81 -17.72 -20.77 3.82
C TRP B 81 -17.91 -22.19 3.30
N LYS B 82 -16.79 -22.90 3.05
CA LYS B 82 -16.90 -24.31 2.70
C LYS B 82 -17.59 -25.11 3.81
N LYS B 83 -17.38 -24.70 5.07
CA LYS B 83 -18.05 -25.33 6.19
C LYS B 83 -19.53 -24.99 6.27
N GLY B 84 -20.01 -24.04 5.47
CA GLY B 84 -21.42 -23.70 5.46
C GLY B 84 -21.81 -22.57 6.38
N THR B 85 -20.88 -21.72 6.78
CA THR B 85 -21.17 -20.61 7.69
C THR B 85 -21.57 -19.37 6.89
N TYR B 86 -22.52 -18.63 7.42
CA TYR B 86 -23.00 -17.41 6.78
C TYR B 86 -22.05 -16.27 7.12
N LEU B 87 -21.36 -15.75 6.10
CA LEU B 87 -20.26 -14.81 6.30
C LEU B 87 -20.62 -13.46 5.71
N VAL B 88 -20.44 -12.40 6.50
CA VAL B 88 -20.68 -11.03 6.07
C VAL B 88 -19.38 -10.25 6.26
N ASN B 89 -19.00 -9.49 5.24
CA ASN B 89 -17.79 -8.68 5.27
C ASN B 89 -18.15 -7.26 5.67
N LEU B 90 -17.51 -6.75 6.72
CA LEU B 90 -17.81 -5.44 7.27
C LEU B 90 -16.68 -4.46 6.96
N ASP B 91 -17.05 -3.29 6.43
CA ASP B 91 -16.17 -2.14 6.32
C ASP B 91 -14.98 -2.33 5.38
N GLU B 92 -14.09 -3.26 5.71
CA GLU B 92 -12.84 -3.45 4.99
C GLU B 92 -12.99 -4.60 4.01
N LYS B 93 -12.84 -4.30 2.72
CA LYS B 93 -13.12 -5.28 1.66
C LYS B 93 -12.05 -6.36 1.64
N ILE B 94 -12.45 -7.58 1.98
CA ILE B 94 -11.56 -8.72 1.79
C ILE B 94 -11.29 -8.93 0.30
N ASP B 95 -10.08 -9.38 -0.03
CA ASP B 95 -9.73 -9.69 -1.41
C ASP B 95 -10.70 -10.74 -1.96
N MET B 96 -11.57 -10.33 -2.89
CA MET B 96 -12.56 -11.24 -3.43
C MET B 96 -11.92 -12.30 -4.32
N LYS B 97 -10.95 -11.91 -5.14
CA LYS B 97 -10.32 -12.87 -6.05
C LYS B 97 -9.55 -13.92 -5.29
N LYS B 98 -8.82 -13.51 -4.24
CA LYS B 98 -8.13 -14.48 -3.39
C LYS B 98 -9.12 -15.34 -2.63
N LEU B 99 -10.25 -14.78 -2.22
CA LEU B 99 -11.29 -15.57 -1.57
C LEU B 99 -11.81 -16.65 -2.49
N LYS B 100 -12.17 -16.27 -3.73
CA LYS B 100 -12.68 -17.25 -4.68
C LYS B 100 -11.59 -18.22 -5.12
N ALA B 101 -10.37 -17.73 -5.32
CA ALA B 101 -9.27 -18.63 -5.67
C ALA B 101 -9.02 -19.67 -4.59
N ALA B 102 -9.25 -19.31 -3.33
CA ALA B 102 -9.20 -20.25 -2.22
C ALA B 102 -10.55 -20.94 -1.99
N GLY B 103 -11.45 -20.89 -2.97
CA GLY B 103 -12.77 -21.45 -2.82
C GLY B 103 -13.55 -20.78 -1.71
N GLY B 104 -13.95 -19.53 -1.93
CA GLY B 104 -14.62 -18.79 -0.88
C GLY B 104 -15.70 -17.88 -1.44
N ALA B 105 -16.55 -17.41 -0.52
CA ALA B 105 -17.62 -16.49 -0.86
C ALA B 105 -18.17 -15.91 0.44
N VAL B 106 -18.65 -14.66 0.35
CA VAL B 106 -19.30 -14.00 1.48
C VAL B 106 -20.72 -13.66 1.07
N GLU B 107 -21.63 -13.64 2.06
CA GLU B 107 -23.01 -13.29 1.77
C GLU B 107 -23.16 -11.83 1.38
N ALA B 108 -22.43 -10.94 2.05
CA ALA B 108 -22.62 -9.51 1.84
C ALA B 108 -21.35 -8.76 2.22
N PHE B 109 -21.21 -7.58 1.64
CA PHE B 109 -20.17 -6.62 2.02
C PHE B 109 -20.88 -5.31 2.37
N VAL B 110 -20.88 -4.98 3.66
CA VAL B 110 -21.47 -3.74 4.16
C VAL B 110 -20.34 -2.78 4.52
N THR B 111 -20.38 -1.58 3.96
CA THR B 111 -19.29 -0.62 4.14
C THR B 111 -19.81 0.77 3.80
N THR B 112 -18.90 1.73 3.77
CA THR B 112 -19.19 3.11 3.40
C THR B 112 -18.63 3.39 2.01
N ASP B 113 -19.32 4.26 1.26
CA ASP B 113 -18.81 4.70 -0.03
C ASP B 113 -17.53 5.50 0.17
N ASN B 114 -16.39 4.81 0.25
CA ASN B 114 -15.16 5.45 0.68
C ASN B 114 -14.52 6.29 -0.42
N VAL B 115 -14.77 5.96 -1.69
CA VAL B 115 -14.37 6.84 -2.79
C VAL B 115 -14.99 8.22 -2.59
N GLN B 116 -16.30 8.27 -2.33
CA GLN B 116 -16.96 9.54 -2.11
C GLN B 116 -16.54 10.16 -0.80
N VAL B 117 -16.28 9.33 0.22
CA VAL B 117 -15.78 9.83 1.50
C VAL B 117 -14.56 10.71 1.28
N GLY B 118 -13.60 10.21 0.51
CA GLY B 118 -12.43 11.01 0.17
C GLY B 118 -12.78 12.22 -0.67
N ALA B 119 -13.77 12.09 -1.55
CA ALA B 119 -14.18 13.23 -2.36
C ALA B 119 -14.84 14.30 -1.51
N GLN B 120 -15.55 13.91 -0.45
CA GLN B 120 -16.19 14.90 0.42
C GLN B 120 -15.16 15.64 1.27
N GLY B 121 -14.10 14.95 1.68
CA GLY B 121 -13.05 15.64 2.42
C GLY B 121 -12.26 16.60 1.54
N ALA B 122 -11.87 16.12 0.36
CA ALA B 122 -11.11 16.97 -0.56
C ALA B 122 -11.97 18.11 -1.10
N GLY B 123 -13.27 17.84 -1.33
CA GLY B 123 -14.14 18.89 -1.83
C GLY B 123 -14.28 20.04 -0.84
N TYR B 124 -14.50 19.71 0.43
CA TYR B 124 -14.54 20.75 1.45
C TYR B 124 -13.21 21.50 1.53
N ILE B 125 -12.10 20.78 1.32
CA ILE B 125 -10.79 21.43 1.32
C ILE B 125 -10.67 22.38 0.14
N VAL B 126 -11.07 21.93 -1.05
CA VAL B 126 -10.99 22.76 -2.25
C VAL B 126 -11.86 24.00 -2.08
N GLN B 127 -13.04 23.85 -1.50
CA GLN B 127 -13.93 25.00 -1.28
C GLN B 127 -13.35 25.94 -0.24
N LYS B 128 -12.92 25.40 0.90
CA LYS B 128 -12.43 26.24 1.99
C LYS B 128 -11.18 27.03 1.60
N LEU B 129 -10.40 26.52 0.66
CA LEU B 129 -9.20 27.23 0.22
C LEU B 129 -9.56 28.44 -0.62
N GLY B 130 -10.48 28.27 -1.56
CA GLY B 130 -10.95 29.36 -2.39
C GLY B 130 -10.26 29.44 -3.73
N ALA B 131 -10.36 30.62 -4.34
CA ALA B 131 -9.78 30.84 -5.66
C ALA B 131 -8.26 30.66 -5.64
N GLN B 132 -7.63 30.98 -4.51
CA GLN B 132 -6.18 30.79 -4.40
C GLN B 132 -5.81 29.32 -4.43
N GLY B 133 -6.55 28.49 -3.70
CA GLY B 133 -6.21 27.08 -3.63
C GLY B 133 -4.93 26.90 -2.82
N GLY B 134 -4.03 26.07 -3.33
CA GLY B 134 -2.74 25.88 -2.71
C GLY B 134 -2.35 24.42 -2.73
N GLU B 135 -1.35 24.10 -1.91
CA GLU B 135 -0.81 22.74 -1.83
C GLU B 135 -1.55 21.94 -0.77
N VAL B 136 -1.87 20.69 -1.10
CA VAL B 136 -2.58 19.80 -0.19
C VAL B 136 -1.85 18.46 -0.14
N ALA B 137 -2.17 17.68 0.89
CA ALA B 137 -1.56 16.38 1.08
C ALA B 137 -2.60 15.38 1.56
N ILE B 138 -2.29 14.10 1.40
CA ILE B 138 -3.17 13.01 1.78
C ILE B 138 -2.40 12.09 2.72
N ILE B 139 -2.93 11.88 3.92
CA ILE B 139 -2.41 10.90 4.86
C ILE B 139 -3.25 9.64 4.68
N GLU B 140 -2.68 8.65 4.02
CA GLU B 140 -3.40 7.40 3.76
C GLU B 140 -3.33 6.49 4.98
N GLY B 141 -4.23 5.52 4.99
CA GLY B 141 -4.19 4.46 5.98
C GLY B 141 -3.18 3.40 5.60
N GLU B 142 -3.34 2.21 6.16
CA GLU B 142 -2.51 1.07 5.81
C GLU B 142 -2.58 0.83 4.31
N ALA B 143 -1.42 0.90 3.65
CA ALA B 143 -1.36 0.69 2.20
C ALA B 143 -1.86 -0.70 1.86
N GLY B 144 -2.78 -0.77 0.90
CA GLY B 144 -3.41 -2.02 0.52
C GLY B 144 -4.79 -2.23 1.10
N ASN B 145 -5.18 -1.46 2.12
CA ASN B 145 -6.52 -1.54 2.68
C ASN B 145 -7.50 -0.81 1.75
N ALA B 146 -8.45 -1.56 1.20
CA ALA B 146 -9.43 -0.98 0.27
C ALA B 146 -10.13 0.25 0.85
N SER B 147 -10.25 0.31 2.18
CA SER B 147 -10.81 1.48 2.86
C SER B 147 -10.05 2.75 2.48
N GLY B 148 -8.77 2.83 2.87
CA GLY B 148 -8.00 4.02 2.61
C GLY B 148 -7.67 4.22 1.14
N GLU B 149 -7.44 3.12 0.41
CA GLU B 149 -7.17 3.23 -1.02
C GLU B 149 -8.31 3.94 -1.74
N ALA B 150 -9.56 3.61 -1.40
CA ALA B 150 -10.69 4.26 -2.03
C ALA B 150 -10.78 5.73 -1.61
N ARG B 151 -10.57 6.01 -0.32
CA ARG B 151 -10.59 7.40 0.14
C ARG B 151 -9.46 8.20 -0.49
N ARG B 152 -8.29 7.57 -0.67
CA ARG B 152 -7.19 8.23 -1.36
C ARG B 152 -7.55 8.55 -2.81
N THR B 153 -8.12 7.57 -3.51
CA THR B 153 -8.53 7.80 -4.89
C THR B 153 -9.56 8.92 -4.99
N GLY B 154 -10.56 8.89 -4.10
CA GLY B 154 -11.59 9.91 -4.15
C GLY B 154 -11.08 11.30 -3.81
N ALA B 155 -10.16 11.39 -2.85
CA ALA B 155 -9.57 12.68 -2.52
C ALA B 155 -8.69 13.17 -3.65
N THR B 156 -7.92 12.28 -4.27
CA THR B 156 -7.07 12.67 -5.39
C THR B 156 -7.90 13.14 -6.57
N ASP B 157 -8.97 12.40 -6.90
CA ASP B 157 -9.82 12.80 -8.02
C ASP B 157 -10.41 14.19 -7.79
N GLN B 158 -10.89 14.47 -6.58
CA GLN B 158 -11.48 15.76 -6.30
C GLN B 158 -10.45 16.88 -6.40
N PHE B 159 -9.26 16.65 -5.84
CA PHE B 159 -8.17 17.62 -5.97
C PHE B 159 -7.77 17.80 -7.43
N ALA B 160 -7.86 16.75 -8.24
CA ALA B 160 -7.45 16.83 -9.62
C ALA B 160 -8.40 17.65 -10.49
N LYS B 161 -9.59 17.97 -10.00
CA LYS B 161 -10.56 18.74 -10.76
C LYS B 161 -10.54 20.22 -10.44
N ALA B 162 -9.63 20.66 -9.56
CA ALA B 162 -9.41 22.07 -9.28
C ALA B 162 -7.97 22.39 -9.66
N SER B 163 -7.79 23.07 -10.80
CA SER B 163 -6.46 23.32 -11.36
C SER B 163 -5.65 24.32 -10.55
N ASN B 164 -6.23 24.95 -9.52
CA ASN B 164 -5.49 25.79 -8.59
C ASN B 164 -5.07 25.03 -7.34
N ILE B 165 -5.07 23.70 -7.40
CA ILE B 165 -4.72 22.83 -6.29
C ILE B 165 -3.58 21.92 -6.73
N LYS B 166 -2.58 21.77 -5.87
CA LYS B 166 -1.43 20.92 -6.15
C LYS B 166 -1.30 19.88 -5.06
N LEU B 167 -1.25 18.60 -5.46
CA LEU B 167 -1.13 17.49 -4.53
C LEU B 167 0.36 17.18 -4.35
N VAL B 168 0.95 17.70 -3.27
CA VAL B 168 2.39 17.59 -3.08
C VAL B 168 2.80 16.26 -2.47
N ALA B 169 1.89 15.58 -1.77
CA ALA B 169 2.27 14.36 -1.06
C ALA B 169 1.06 13.48 -0.83
N SER B 170 1.29 12.18 -0.85
CA SER B 170 0.28 11.18 -0.50
C SER B 170 1.05 10.05 0.18
N GLN B 171 0.97 10.00 1.51
CA GLN B 171 1.76 9.06 2.28
C GLN B 171 0.87 8.27 3.23
N PRO B 172 1.18 7.00 3.48
CA PRO B 172 0.43 6.21 4.46
C PRO B 172 0.95 6.38 5.88
N ALA B 173 0.02 6.35 6.84
CA ALA B 173 0.37 6.34 8.25
C ALA B 173 -0.31 5.19 8.99
N ASP B 174 -0.86 4.22 8.26
CA ASP B 174 -1.26 2.92 8.83
C ASP B 174 -2.25 3.06 9.98
N TRP B 175 -3.17 4.03 9.87
CA TRP B 175 -4.18 4.28 10.89
C TRP B 175 -3.57 4.53 12.27
N ASP B 176 -2.34 5.04 12.30
CA ASP B 176 -1.60 5.21 13.55
C ASP B 176 -1.39 6.68 13.84
N ARG B 177 -1.74 7.08 15.07
CA ARG B 177 -1.65 8.49 15.47
C ARG B 177 -0.21 8.98 15.43
N THR B 178 0.72 8.21 16.02
CA THR B 178 2.11 8.64 16.12
C THR B 178 2.75 8.74 14.74
N LYS B 179 2.52 7.75 13.88
CA LYS B 179 3.12 7.78 12.55
C LYS B 179 2.57 8.94 11.73
N ALA B 180 1.29 9.25 11.87
CA ALA B 180 0.72 10.38 11.15
C ALA B 180 1.30 11.70 11.62
N LYS B 181 1.64 11.81 12.91
CA LYS B 181 2.33 12.99 13.39
C LYS B 181 3.71 13.12 12.76
N GLN B 182 4.47 12.01 12.71
CA GLN B 182 5.75 12.03 12.03
C GLN B 182 5.60 12.39 10.56
N VAL B 183 4.68 11.72 9.86
CA VAL B 183 4.50 11.97 8.43
C VAL B 183 4.10 13.42 8.18
N ALA B 184 3.16 13.92 8.96
CA ALA B 184 2.74 15.31 8.80
C ALA B 184 3.89 16.27 9.03
N THR B 185 4.71 16.00 10.05
CA THR B 185 5.88 16.84 10.30
C THR B 185 6.81 16.83 9.09
N GLU B 186 7.11 15.64 8.56
CA GLU B 186 7.94 15.54 7.36
C GLU B 186 7.32 16.33 6.21
N ILE B 187 6.00 16.24 6.04
CA ILE B 187 5.32 17.01 5.01
C ILE B 187 5.39 18.50 5.31
N LEU B 188 5.20 18.87 6.58
CA LEU B 188 5.30 20.28 6.96
C LEU B 188 6.71 20.81 6.76
N ALA B 189 7.73 19.97 6.93
CA ALA B 189 9.10 20.40 6.71
C ALA B 189 9.42 20.46 5.22
N LYS B 190 8.91 19.50 4.44
CA LYS B 190 9.23 19.43 3.02
C LYS B 190 8.43 20.44 2.20
N ASN B 191 7.19 20.70 2.58
CA ASN B 191 6.31 21.62 1.87
C ASN B 191 5.76 22.62 2.88
N PRO B 192 6.54 23.64 3.24
CA PRO B 192 6.10 24.56 4.30
C PRO B 192 4.90 25.42 3.90
N ASN B 193 4.64 25.60 2.60
CA ASN B 193 3.50 26.37 2.14
C ASN B 193 2.20 25.57 2.12
N ILE B 194 2.20 24.34 2.63
CA ILE B 194 1.03 23.48 2.50
C ILE B 194 -0.16 24.08 3.23
N LYS B 195 -1.33 23.99 2.62
CA LYS B 195 -2.54 24.63 3.13
C LYS B 195 -3.49 23.66 3.81
N ALA B 196 -3.51 22.39 3.42
CA ALA B 196 -4.51 21.47 3.93
C ALA B 196 -4.02 20.05 3.80
N ILE B 197 -4.54 19.18 4.68
CA ILE B 197 -4.21 17.76 4.67
C ILE B 197 -5.49 16.96 4.89
N TYR B 198 -5.77 16.01 4.01
CA TYR B 198 -6.83 15.06 4.24
C TYR B 198 -6.26 13.77 4.81
N CYS B 199 -6.92 13.23 5.82
CA CYS B 199 -6.48 12.02 6.51
C CYS B 199 -7.56 10.94 6.40
N ALA B 200 -7.12 9.72 6.09
CA ALA B 200 -8.07 8.65 5.80
C ALA B 200 -8.88 8.23 7.02
N ASN B 201 -8.45 8.56 8.23
CA ASN B 201 -9.28 8.34 9.40
C ASN B 201 -8.92 9.35 10.49
N ASP B 202 -9.73 9.38 11.53
CA ASP B 202 -9.58 10.38 12.58
C ASP B 202 -8.41 10.09 13.50
N THR B 203 -8.06 8.81 13.67
CA THR B 203 -6.87 8.47 14.44
C THR B 203 -5.66 9.20 13.90
N MET B 204 -5.47 9.17 12.58
CA MET B 204 -4.33 9.85 11.97
C MET B 204 -4.52 11.35 11.93
N ALA B 205 -5.77 11.82 11.77
CA ALA B 205 -6.01 13.26 11.66
C ALA B 205 -5.65 13.98 12.96
N LEU B 206 -5.96 13.36 14.10
CA LEU B 206 -5.56 13.94 15.38
C LEU B 206 -4.04 13.97 15.51
N GLY B 207 -3.37 12.91 15.05
CA GLY B 207 -1.91 12.94 14.99
C GLY B 207 -1.39 14.01 14.06
N VAL B 208 -2.11 14.29 12.98
CA VAL B 208 -1.71 15.38 12.09
C VAL B 208 -1.93 16.72 12.77
N ALA B 209 -3.04 16.87 13.52
CA ALA B 209 -3.30 18.11 14.22
C ALA B 209 -2.24 18.39 15.28
N ASP B 210 -1.73 17.34 15.93
CA ASP B 210 -0.66 17.53 16.90
C ASP B 210 0.61 18.07 16.23
N ALA B 211 0.94 17.55 15.05
CA ALA B 211 2.12 18.02 14.33
C ALA B 211 1.96 19.46 13.88
N VAL B 212 0.77 19.83 13.41
CA VAL B 212 0.52 21.20 13.00
C VAL B 212 0.54 22.14 14.20
N ALA B 213 0.08 21.67 15.35
CA ALA B 213 0.17 22.47 16.57
C ALA B 213 1.63 22.64 16.99
N ASP B 214 2.43 21.59 16.88
CA ASP B 214 3.84 21.69 17.24
C ASP B 214 4.57 22.68 16.34
N ALA B 215 4.16 22.79 15.07
CA ALA B 215 4.74 23.75 14.17
C ALA B 215 4.15 25.15 14.31
N GLY B 216 3.28 25.37 15.29
CA GLY B 216 2.64 26.66 15.46
C GLY B 216 1.79 27.08 14.27
N LYS B 217 1.21 26.12 13.55
CA LYS B 217 0.46 26.41 12.34
C LYS B 217 -1.02 26.05 12.47
N THR B 218 -1.51 25.78 13.67
CA THR B 218 -2.92 25.45 13.86
C THR B 218 -3.80 26.59 13.36
N GLY B 219 -4.80 26.25 12.55
CA GLY B 219 -5.64 27.22 11.90
C GLY B 219 -5.14 27.70 10.56
N LYS B 220 -3.85 27.47 10.26
CA LYS B 220 -3.27 27.85 8.98
C LYS B 220 -3.12 26.66 8.03
N VAL B 221 -3.17 25.44 8.54
CA VAL B 221 -3.19 24.23 7.72
C VAL B 221 -4.46 23.47 8.06
N LEU B 222 -5.34 23.31 7.07
CA LEU B 222 -6.57 22.58 7.30
C LEU B 222 -6.28 21.11 7.54
N VAL B 223 -7.02 20.51 8.47
CA VAL B 223 -6.87 19.10 8.82
C VAL B 223 -8.27 18.50 8.81
N VAL B 224 -8.56 17.68 7.80
CA VAL B 224 -9.84 17.02 7.66
C VAL B 224 -9.65 15.54 7.93
N GLY B 225 -10.44 15.00 8.84
CA GLY B 225 -10.40 13.60 9.19
C GLY B 225 -11.51 12.80 8.55
N THR B 226 -11.73 11.60 9.09
CA THR B 226 -12.76 10.69 8.61
C THR B 226 -13.03 9.68 9.71
N ASP B 227 -14.33 9.43 9.96
CA ASP B 227 -14.95 8.47 10.90
C ASP B 227 -15.92 9.22 11.81
N GLY B 228 -15.50 10.38 12.29
CA GLY B 228 -16.33 11.14 13.21
C GLY B 228 -16.35 10.59 14.62
N ILE B 229 -15.19 10.17 15.13
CA ILE B 229 -15.09 9.68 16.50
C ILE B 229 -15.22 10.86 17.46
N PRO B 230 -15.63 10.64 18.72
CA PRO B 230 -15.83 11.79 19.63
C PRO B 230 -14.65 12.73 19.72
N GLU B 231 -13.43 12.23 19.88
CA GLU B 231 -12.27 13.11 20.00
C GLU B 231 -12.09 13.97 18.75
N ALA B 232 -12.45 13.43 17.59
CA ALA B 232 -12.38 14.22 16.36
C ALA B 232 -13.44 15.31 16.34
N GLN B 233 -14.66 14.99 16.78
CA GLN B 233 -15.71 16.01 16.84
C GLN B 233 -15.40 17.06 17.90
N GLU B 234 -14.84 16.63 19.04
CA GLU B 234 -14.35 17.58 20.02
C GLU B 234 -13.25 18.47 19.44
N ALA B 235 -12.42 17.91 18.56
CA ALA B 235 -11.35 18.69 17.95
C ALA B 235 -11.90 19.70 16.95
N VAL B 236 -12.90 19.30 16.16
CA VAL B 236 -13.52 20.24 15.21
C VAL B 236 -14.25 21.34 15.96
N LYS B 237 -14.93 21.00 17.06
CA LYS B 237 -15.56 22.02 17.87
C LYS B 237 -14.55 22.91 18.57
N ALA B 238 -13.36 22.39 18.85
CA ALA B 238 -12.30 23.17 19.46
C ALA B 238 -11.41 23.89 18.45
N GLY B 239 -11.52 23.56 17.16
CA GLY B 239 -10.69 24.16 16.15
C GLY B 239 -9.39 23.45 15.87
N LYS B 240 -9.08 22.37 16.61
CA LYS B 240 -7.84 21.64 16.35
C LYS B 240 -7.91 20.85 15.05
N MET B 241 -9.12 20.46 14.64
CA MET B 241 -9.34 19.85 13.34
C MET B 241 -10.33 20.71 12.55
N THR B 242 -10.12 20.77 11.24
CA THR B 242 -11.01 21.57 10.41
C THR B 242 -12.35 20.88 10.20
N ALA B 243 -12.33 19.61 9.82
CA ALA B 243 -13.55 18.87 9.54
C ALA B 243 -13.26 17.38 9.66
N THR B 244 -14.31 16.58 9.51
CA THR B 244 -14.15 15.13 9.47
C THR B 244 -15.35 14.54 8.73
N VAL B 245 -15.09 13.62 7.81
CA VAL B 245 -16.17 12.93 7.10
C VAL B 245 -16.62 11.77 7.98
N ALA B 246 -17.71 11.97 8.72
CA ALA B 246 -18.13 10.97 9.70
C ALA B 246 -18.73 9.77 8.99
N GLN B 247 -18.46 8.58 9.54
CA GLN B 247 -19.12 7.36 9.12
C GLN B 247 -20.18 6.99 10.15
N ASN B 248 -20.89 5.91 9.87
CA ASN B 248 -21.88 5.34 10.77
C ASN B 248 -21.48 3.89 11.04
N PRO B 249 -20.48 3.67 11.89
CA PRO B 249 -20.05 2.29 12.17
C PRO B 249 -21.11 1.46 12.87
N ALA B 250 -21.97 2.08 13.68
CA ALA B 250 -23.06 1.35 14.31
C ALA B 250 -24.00 0.77 13.28
N ALA B 251 -24.37 1.56 12.27
CA ALA B 251 -25.26 1.07 11.22
C ALA B 251 -24.56 0.02 10.36
N ILE B 252 -23.27 0.21 10.08
CA ILE B 252 -22.51 -0.80 9.35
C ILE B 252 -22.59 -2.14 10.07
N GLY B 253 -22.37 -2.13 11.39
CA GLY B 253 -22.46 -3.37 12.14
C GLY B 253 -23.88 -3.91 12.21
N ALA B 254 -24.86 -3.03 12.49
CA ALA B 254 -26.24 -3.47 12.58
C ALA B 254 -26.74 -4.02 11.26
N THR B 255 -26.41 -3.35 10.15
CA THR B 255 -26.82 -3.84 8.84
C THR B 255 -26.18 -5.19 8.52
N GLY B 256 -24.88 -5.32 8.83
CA GLY B 256 -24.22 -6.60 8.60
C GLY B 256 -24.84 -7.72 9.42
N LEU B 257 -25.28 -7.41 10.63
CA LEU B 257 -25.94 -8.42 11.45
C LEU B 257 -27.30 -8.80 10.88
N LYS B 258 -28.09 -7.82 10.44
CA LYS B 258 -29.37 -8.12 9.82
C LYS B 258 -29.20 -8.97 8.57
N LEU B 259 -28.23 -8.61 7.72
CA LEU B 259 -28.00 -9.38 6.51
C LEU B 259 -27.53 -10.80 6.83
N MET B 260 -26.86 -10.98 7.97
CA MET B 260 -26.40 -12.31 8.35
C MET B 260 -27.57 -13.17 8.81
N VAL B 261 -28.46 -12.60 9.62
CA VAL B 261 -29.64 -13.36 10.05
C VAL B 261 -30.59 -13.58 8.88
N ASP B 262 -30.66 -12.61 7.95
CA ASP B 262 -31.51 -12.77 6.78
C ASP B 262 -30.94 -13.79 5.79
N ALA B 263 -29.62 -13.85 5.68
CA ALA B 263 -29.00 -14.83 4.78
C ALA B 263 -29.09 -16.24 5.34
N GLU B 264 -29.44 -16.38 6.62
CA GLU B 264 -29.51 -17.70 7.25
C GLU B 264 -30.72 -18.48 6.73
N LYS B 265 -31.88 -17.81 6.67
CA LYS B 265 -33.15 -18.48 6.42
C LYS B 265 -33.24 -19.09 5.02
N LYS B 266 -32.35 -18.69 4.10
CA LYS B 266 -32.24 -19.36 2.81
C LYS B 266 -31.67 -20.77 2.93
N GLY B 267 -31.17 -21.14 4.11
CA GLY B 267 -30.67 -22.48 4.38
C GLY B 267 -29.39 -22.84 3.68
N LYS B 268 -28.91 -22.01 2.75
CA LYS B 268 -27.67 -22.29 2.03
C LYS B 268 -26.84 -21.02 1.95
N VAL B 269 -25.54 -21.21 1.82
CA VAL B 269 -24.63 -20.08 1.66
C VAL B 269 -24.70 -19.58 0.22
N ILE B 270 -23.95 -18.53 -0.08
CA ILE B 270 -23.93 -17.95 -1.42
C ILE B 270 -23.02 -18.79 -2.31
N PRO B 271 -23.41 -19.10 -3.54
CA PRO B 271 -22.53 -19.84 -4.44
C PRO B 271 -21.25 -19.07 -4.76
N LEU B 272 -20.31 -19.78 -5.38
CA LEU B 272 -18.99 -19.21 -5.66
C LEU B 272 -19.09 -17.97 -6.53
N ASP B 273 -19.75 -18.07 -7.67
CA ASP B 273 -19.67 -17.03 -8.68
C ASP B 273 -20.66 -15.88 -8.46
N LYS B 274 -21.65 -16.05 -7.61
CA LYS B 274 -22.62 -14.98 -7.38
C LYS B 274 -21.99 -13.84 -6.59
N ALA B 275 -22.14 -12.62 -7.09
CA ALA B 275 -21.63 -11.46 -6.38
C ALA B 275 -22.42 -11.25 -5.09
N PRO B 276 -21.76 -10.90 -3.99
CA PRO B 276 -22.46 -10.77 -2.71
C PRO B 276 -23.28 -9.50 -2.64
N GLN B 277 -24.16 -9.46 -1.63
CA GLN B 277 -24.92 -8.25 -1.36
C GLN B 277 -23.97 -7.08 -1.07
N TYR B 278 -24.24 -5.94 -1.70
CA TYR B 278 -23.36 -4.78 -1.63
C TYR B 278 -24.16 -3.60 -1.10
N VAL B 279 -23.92 -3.25 0.16
CA VAL B 279 -24.68 -2.20 0.84
C VAL B 279 -23.73 -1.07 1.21
N LEU B 280 -24.17 0.17 0.97
CA LEU B 280 -23.36 1.36 1.24
C LEU B 280 -24.07 2.18 2.30
N VAL B 281 -23.38 2.41 3.41
CA VAL B 281 -23.90 3.25 4.49
C VAL B 281 -23.44 4.68 4.25
N ALA B 282 -24.38 5.62 4.38
CA ALA B 282 -24.10 7.01 4.07
C ALA B 282 -23.05 7.59 5.01
N SER B 283 -22.43 8.69 4.57
CA SER B 283 -21.50 9.46 5.36
C SER B 283 -21.89 10.93 5.26
N LYS B 284 -21.41 11.73 6.21
CA LYS B 284 -21.71 13.15 6.21
C LYS B 284 -20.49 13.94 6.67
N LEU B 285 -20.37 15.15 6.13
CA LEU B 285 -19.31 16.05 6.52
C LEU B 285 -19.66 16.74 7.83
N VAL B 286 -18.67 16.90 8.70
CA VAL B 286 -18.85 17.51 10.02
C VAL B 286 -17.85 18.65 10.14
N THR B 287 -18.35 19.88 10.17
CA THR B 287 -17.53 21.07 10.27
C THR B 287 -17.90 21.87 11.51
N ALA B 288 -17.08 22.88 11.82
CA ALA B 288 -17.36 23.75 12.95
C ALA B 288 -18.61 24.60 12.72
N LEU B 289 -18.90 24.94 11.47
CA LEU B 289 -20.12 25.63 11.13
C LEU B 289 -21.20 24.63 10.72
N GLU B 290 -22.42 25.14 10.55
CA GLU B 290 -23.56 24.29 10.23
C GLU B 290 -24.65 25.19 9.66
N HIS B 291 -24.85 25.13 8.35
CA HIS B 291 -25.82 25.99 7.68
C HIS B 291 -27.19 25.31 7.62
N HIS B 292 -28.24 26.12 7.76
CA HIS B 292 -29.61 25.62 7.68
C HIS B 292 -30.47 26.55 6.83
C1 ALL C . 11.43 -3.39 -7.19
C2 ALL C . 12.67 -3.51 -8.09
C3 ALL C . 12.24 -3.71 -9.55
C4 ALL C . 11.28 -4.90 -9.64
C5 ALL C . 10.11 -4.72 -8.67
C6 ALL C . 9.15 -5.87 -8.64
O1 ALL C . 11.82 -3.34 -5.88
O2 ALL C . 13.45 -2.36 -7.94
O3 ALL C . 11.64 -2.52 -10.02
O4 ALL C . 10.86 -4.97 -10.99
O5 ALL C . 10.64 -4.55 -7.35
O6 ALL C . 9.86 -7.08 -8.49
C1 ALL D . -11.42 1.69 8.11
C2 ALL D . -12.68 2.19 8.82
C3 ALL D . -12.34 3.34 9.76
C4 ALL D . -11.24 2.90 10.72
C5 ALL D . -10.03 2.36 9.93
C6 ALL D . -8.91 1.84 10.79
O1 ALL D . -11.73 0.58 7.38
O2 ALL D . -13.62 2.56 7.84
O3 ALL D . -11.97 4.45 8.99
O4 ALL D . -10.89 4.02 11.51
O5 ALL D . -10.47 1.31 9.08
O6 ALL D . -9.34 0.69 11.50
#